data_3KFA
#
_entry.id   3KFA
#
_cell.length_a   43.470
_cell.length_b   59.980
_cell.length_c   123.550
_cell.angle_alpha   90.000
_cell.angle_beta   89.990
_cell.angle_gamma   90.000
#
_symmetry.space_group_name_H-M   'P 1 21 1'
#
loop_
_entity.id
_entity.type
_entity.pdbx_description
1 polymer 'Tyrosine-protein kinase ABL1'
2 non-polymer 3-{(E)-2-[6-(cyclopropylamino)-9H-purin-9-yl]ethenyl}-4-methyl-N-[3-(4-methyl-1H-imidazol-1-yl)-5-(trifluoromethyl)phenyl]benzamide
3 water water
#
_entity_poly.entity_id   1
_entity_poly.type   'polypeptide(L)'
_entity_poly.pdbx_seq_one_letter_code
;GSPNYDKWEMERTDITMKHKLGGGQYGEVYEGVWKKYSLTVAVKTLKEDTMEVEEFLKEAAVMKEIKHPNLVQLLGVCTR
EPPFYIITEFMTYGNLLDYLRECNRQEVSAVVLLYMATQISSAMEYLEKKNFIHRDLAARNCLVGENHLVKVADFGLSRL
MTGDTYTAHAGAKFPIKWTAPESLAYNKFSIKSDVWAFGVLLWEIATYGMSPYPGIDLSQVYELLEKDYRMERPEGCPEK
VYELMRACWQWNPSDRPSFAEIHQAFETMFQESSISDEVEKELGKRGT
;
_entity_poly.pdbx_strand_id   A,B
#
loop_
_chem_comp.id
_chem_comp.type
_chem_comp.name
_chem_comp.formula
B91 non-polymer 3-{(E)-2-[6-(cyclopropylamino)-9H-purin-9-yl]ethenyl}-4-methyl-N-[3-(4-methyl-1H-imidazol-1-yl)-5-(trifluoromethyl)phenyl]benzamide 'C29 H25 F3 N8 O'
#
# COMPACT_ATOMS: atom_id res chain seq x y z
N GLY A 1 7.32 10.89 -22.14
CA GLY A 1 8.19 12.06 -22.50
C GLY A 1 7.44 13.09 -23.30
N SER A 2 6.15 12.86 -23.51
CA SER A 2 5.25 13.74 -24.27
C SER A 2 3.93 13.73 -23.47
N PRO A 3 2.99 14.64 -23.74
CA PRO A 3 1.91 14.88 -22.78
C PRO A 3 0.99 13.71 -22.47
N ASN A 4 0.78 12.82 -23.43
CA ASN A 4 -0.14 11.71 -23.21
C ASN A 4 0.60 10.40 -23.01
N TYR A 5 1.87 10.47 -22.62
CA TYR A 5 2.64 9.27 -22.31
C TYR A 5 2.07 8.56 -21.09
N ASP A 6 1.97 7.25 -21.19
CA ASP A 6 1.61 6.40 -20.04
C ASP A 6 2.52 5.17 -20.12
N LYS A 7 3.32 4.96 -19.09
CA LYS A 7 4.36 3.95 -19.16
C LYS A 7 3.84 2.52 -19.39
N TRP A 8 2.59 2.24 -19.01
CA TRP A 8 2.05 0.88 -19.19
C TRP A 8 1.29 0.67 -20.49
N GLU A 9 0.87 1.75 -21.15
CA GLU A 9 0.03 1.62 -22.32
C GLU A 9 0.84 1.23 -23.53
N MET A 10 0.30 0.31 -24.28
CA MET A 10 0.90 -0.14 -25.53
C MET A 10 -0.10 0.08 -26.66
N GLU A 11 0.39 0.11 -27.89
CA GLU A 11 -0.52 0.10 -29.03
C GLU A 11 -0.99 -1.33 -29.30
N ARG A 12 -2.28 -1.49 -29.61
CA ARG A 12 -2.79 -2.83 -29.89
C ARG A 12 -2.04 -3.48 -31.04
N THR A 13 -1.64 -2.66 -32.01
CA THR A 13 -0.92 -3.16 -33.18
C THR A 13 0.48 -3.70 -32.85
N ASP A 14 0.97 -3.47 -31.62
CA ASP A 14 2.24 -4.05 -31.17
C ASP A 14 2.13 -5.58 -31.05
N ILE A 15 0.90 -6.09 -30.98
CA ILE A 15 0.65 -7.48 -30.62
C ILE A 15 -0.01 -8.20 -31.79
N THR A 16 0.58 -9.31 -32.19
CA THR A 16 -0.09 -10.26 -33.06
C THR A 16 -1.01 -11.13 -32.22
N MET A 17 -2.30 -11.13 -32.53
CA MET A 17 -3.23 -11.95 -31.79
C MET A 17 -3.36 -13.31 -32.44
N LYS A 18 -3.30 -14.37 -31.64
CA LYS A 18 -3.45 -15.73 -32.15
C LYS A 18 -4.69 -16.36 -31.55
N HIS A 19 -4.64 -17.63 -31.16
CA HIS A 19 -5.85 -18.35 -30.80
C HIS A 19 -6.27 -18.16 -29.34
N LYS A 20 -7.53 -18.46 -29.07
CA LYS A 20 -8.08 -18.42 -27.73
C LYS A 20 -7.55 -19.58 -26.89
N LEU A 21 -7.21 -19.28 -25.65
CA LEU A 21 -6.67 -20.25 -24.73
C LEU A 21 -7.78 -20.70 -23.78
N GLY A 22 -7.72 -21.95 -23.35
CA GLY A 22 -8.65 -22.39 -22.32
C GLY A 22 -10.04 -22.82 -22.78
N GLY A 23 -10.30 -22.73 -24.09
CA GLY A 23 -11.54 -23.28 -24.63
C GLY A 23 -12.81 -22.54 -24.24
N GLY A 24 -12.67 -21.28 -23.83
CA GLY A 24 -13.83 -20.52 -23.40
C GLY A 24 -14.05 -20.61 -21.90
N GLN A 25 -13.56 -21.71 -21.31
CA GLN A 25 -13.68 -21.92 -19.87
C GLN A 25 -12.89 -20.87 -19.11
N TYR A 26 -11.93 -20.23 -19.79
CA TYR A 26 -11.11 -19.18 -19.17
C TYR A 26 -11.41 -17.79 -19.71
N GLY A 27 -12.52 -17.65 -20.42
CA GLY A 27 -12.91 -16.35 -20.94
C GLY A 27 -12.11 -15.92 -22.15
N GLU A 28 -12.02 -14.61 -22.32
CA GLU A 28 -11.42 -13.99 -23.49
C GLU A 28 -9.92 -13.81 -23.30
N VAL A 29 -9.21 -14.94 -23.28
CA VAL A 29 -7.78 -14.93 -23.16
C VAL A 29 -7.16 -15.58 -24.40
N TYR A 30 -6.16 -14.93 -24.95
CA TYR A 30 -5.60 -15.34 -26.25
C TYR A 30 -4.09 -15.42 -26.17
N GLU A 31 -3.50 -16.32 -26.94
CA GLU A 31 -2.08 -16.26 -27.15
C GLU A 31 -1.77 -15.10 -28.11
N GLY A 32 -0.68 -14.41 -27.89
CA GLY A 32 -0.23 -13.36 -28.79
C GLY A 32 1.28 -13.30 -28.86
N VAL A 33 1.79 -12.43 -29.73
CA VAL A 33 3.20 -12.15 -29.81
C VAL A 33 3.46 -10.65 -29.78
N TRP A 34 4.35 -10.22 -28.91
CA TRP A 34 4.80 -8.84 -28.87
C TRP A 34 5.87 -8.72 -29.95
N LYS A 35 5.49 -8.14 -31.09
CA LYS A 35 6.24 -8.32 -32.33
C LYS A 35 7.67 -7.78 -32.25
N LYS A 36 7.80 -6.59 -31.70
CA LYS A 36 9.09 -5.92 -31.66
C LYS A 36 10.12 -6.75 -30.91
N TYR A 37 9.67 -7.58 -29.98
CA TYR A 37 10.59 -8.29 -29.10
C TYR A 37 10.54 -9.80 -29.29
N SER A 38 9.82 -10.24 -30.30
CA SER A 38 9.68 -11.65 -30.61
C SER A 38 9.30 -12.47 -29.38
N LEU A 39 8.34 -11.96 -28.60
CA LEU A 39 8.00 -12.58 -27.33
C LEU A 39 6.56 -13.08 -27.33
N THR A 40 6.36 -14.36 -27.07
CA THR A 40 4.99 -14.86 -26.88
C THR A 40 4.44 -14.30 -25.57
N VAL A 41 3.18 -13.85 -25.64
CA VAL A 41 2.48 -13.26 -24.48
C VAL A 41 1.09 -13.85 -24.37
N ALA A 42 0.40 -13.58 -23.25
CA ALA A 42 -1.01 -13.89 -23.16
C ALA A 42 -1.76 -12.55 -23.08
N VAL A 43 -2.96 -12.50 -23.64
CA VAL A 43 -3.71 -11.26 -23.74
C VAL A 43 -5.14 -11.52 -23.33
N LYS A 44 -5.64 -10.77 -22.34
CA LYS A 44 -7.05 -10.79 -21.99
C LYS A 44 -7.70 -9.59 -22.68
N THR A 45 -8.85 -9.80 -23.31
CA THR A 45 -9.48 -8.72 -24.04
C THR A 45 -10.91 -8.50 -23.59
N LEU A 46 -11.36 -7.26 -23.74
CA LEU A 46 -12.75 -6.90 -23.48
C LEU A 46 -13.17 -6.04 -24.66
N LYS A 47 -14.06 -6.57 -25.48
CA LYS A 47 -14.36 -5.91 -26.74
C LYS A 47 -15.27 -4.71 -26.63
N GLU A 48 -16.22 -4.76 -25.72
CA GLU A 48 -17.26 -3.72 -25.70
C GLU A 48 -17.11 -2.75 -24.55
N ASP A 49 -17.65 -1.56 -24.77
CA ASP A 49 -17.53 -0.46 -23.84
C ASP A 49 -18.73 -0.47 -22.88
N THR A 50 -18.71 -1.39 -21.94
CA THR A 50 -19.84 -1.60 -21.03
C THR A 50 -19.39 -1.43 -19.59
N MET A 51 -20.28 -1.67 -18.64
CA MET A 51 -19.92 -1.54 -17.24
C MET A 51 -18.86 -2.53 -16.82
N GLU A 52 -18.65 -3.57 -17.63
CA GLU A 52 -17.58 -4.52 -17.34
C GLU A 52 -16.21 -3.87 -17.36
N VAL A 53 -16.09 -2.73 -18.04
CA VAL A 53 -14.84 -1.98 -18.06
C VAL A 53 -14.37 -1.60 -16.67
N GLU A 54 -15.27 -1.32 -15.73
CA GLU A 54 -14.81 -0.89 -14.41
C GLU A 54 -13.92 -1.98 -13.78
N GLU A 55 -14.39 -3.22 -13.79
CA GLU A 55 -13.59 -4.29 -13.17
C GLU A 55 -12.35 -4.60 -13.99
N PHE A 56 -12.42 -4.46 -15.30
CA PHE A 56 -11.26 -4.70 -16.15
C PHE A 56 -10.17 -3.70 -15.79
N LEU A 57 -10.52 -2.42 -15.63
CA LEU A 57 -9.55 -1.42 -15.26
C LEU A 57 -9.05 -1.57 -13.84
N LYS A 58 -9.91 -2.06 -12.95
CA LYS A 58 -9.47 -2.34 -11.58
C LYS A 58 -8.41 -3.46 -11.59
N GLU A 59 -8.65 -4.49 -12.40
CA GLU A 59 -7.68 -5.55 -12.54
C GLU A 59 -6.35 -5.02 -13.04
N ALA A 60 -6.37 -4.22 -14.10
CA ALA A 60 -5.14 -3.65 -14.61
C ALA A 60 -4.43 -2.81 -13.54
N ALA A 61 -5.17 -2.04 -12.78
CA ALA A 61 -4.58 -1.19 -11.76
C ALA A 61 -3.91 -2.01 -10.67
N VAL A 62 -4.53 -3.10 -10.24
CA VAL A 62 -3.89 -3.96 -9.25
C VAL A 62 -2.64 -4.59 -9.82
N MET A 63 -2.70 -5.08 -11.06
CA MET A 63 -1.56 -5.74 -11.67
C MET A 63 -0.37 -4.82 -11.88
N LYS A 64 -0.62 -3.52 -12.03
CA LYS A 64 0.49 -2.56 -12.10
C LYS A 64 1.23 -2.42 -10.77
N GLU A 65 0.57 -2.76 -9.66
CA GLU A 65 1.13 -2.61 -8.31
C GLU A 65 1.77 -3.88 -7.77
N ILE A 66 1.37 -5.04 -8.23
CA ILE A 66 1.92 -6.25 -7.66
C ILE A 66 3.02 -6.79 -8.55
N LYS A 67 4.12 -7.20 -7.94
CA LYS A 67 5.24 -7.73 -8.70
C LYS A 67 5.98 -8.73 -7.83
N HIS A 68 6.11 -9.97 -8.30
CA HIS A 68 6.74 -11.03 -7.53
C HIS A 68 7.10 -12.16 -8.47
N PRO A 69 8.18 -12.91 -8.20
CA PRO A 69 8.55 -14.00 -9.12
C PRO A 69 7.47 -15.05 -9.33
N ASN A 70 6.57 -15.19 -8.37
CA ASN A 70 5.52 -16.21 -8.48
C ASN A 70 4.11 -15.65 -8.65
N LEU A 71 4.02 -14.44 -9.18
CA LEU A 71 2.75 -13.85 -9.64
C LEU A 71 2.89 -13.58 -11.11
N VAL A 72 1.86 -13.92 -11.89
CA VAL A 72 1.95 -13.71 -13.33
C VAL A 72 2.17 -12.23 -13.62
N GLN A 73 3.13 -11.95 -14.49
CA GLN A 73 3.59 -10.58 -14.64
C GLN A 73 2.94 -9.79 -15.77
N LEU A 74 2.37 -8.65 -15.41
CA LEU A 74 1.86 -7.68 -16.36
C LEU A 74 3.00 -7.12 -17.22
N LEU A 75 2.79 -7.07 -18.54
CA LEU A 75 3.74 -6.47 -19.46
C LEU A 75 3.23 -5.16 -20.02
N GLY A 76 1.90 -5.02 -20.16
CA GLY A 76 1.37 -3.80 -20.73
C GLY A 76 -0.13 -3.86 -20.78
N VAL A 77 -0.75 -2.75 -21.11
CA VAL A 77 -2.20 -2.70 -21.26
C VAL A 77 -2.55 -1.88 -22.48
N CYS A 78 -3.77 -2.09 -22.98
CA CYS A 78 -4.35 -1.18 -23.97
C CYS A 78 -5.70 -0.79 -23.40
N THR A 79 -5.75 0.37 -22.75
CA THR A 79 -6.95 0.71 -22.02
C THR A 79 -7.42 2.14 -22.27
N ARG A 80 -6.99 2.70 -23.41
CA ARG A 80 -7.41 4.06 -23.74
C ARG A 80 -8.76 4.07 -24.43
N GLU A 81 -9.17 2.92 -24.98
CA GLU A 81 -10.39 2.80 -25.77
C GLU A 81 -10.60 1.30 -26.03
N PRO A 82 -11.82 0.89 -26.43
CA PRO A 82 -12.06 -0.51 -26.80
C PRO A 82 -11.34 -0.84 -28.10
N PRO A 83 -10.98 -2.12 -28.31
CA PRO A 83 -11.07 -3.23 -27.36
C PRO A 83 -9.95 -3.12 -26.35
N PHE A 84 -10.27 -3.40 -25.10
CA PHE A 84 -9.28 -3.26 -24.03
C PHE A 84 -8.44 -4.54 -23.91
N TYR A 85 -7.14 -4.37 -23.68
CA TYR A 85 -6.21 -5.49 -23.48
C TYR A 85 -5.51 -5.39 -22.13
N ILE A 86 -5.28 -6.57 -21.53
CA ILE A 86 -4.26 -6.73 -20.49
C ILE A 86 -3.30 -7.78 -21.01
N ILE A 87 -2.02 -7.42 -21.09
CA ILE A 87 -0.98 -8.29 -21.70
C ILE A 87 -0.03 -8.75 -20.61
N THR A 88 0.14 -10.07 -20.49
CA THR A 88 1.04 -10.64 -19.48
C THR A 88 2.05 -11.57 -20.14
N GLU A 89 3.06 -11.93 -19.36
CA GLU A 89 3.92 -13.03 -19.77
C GLU A 89 3.13 -14.30 -20.04
N PHE A 90 3.74 -15.17 -20.84
CA PHE A 90 3.15 -16.43 -21.24
C PHE A 90 3.74 -17.58 -20.44
N MET A 91 2.87 -18.40 -19.87
CA MET A 91 3.28 -19.56 -19.08
C MET A 91 3.06 -20.80 -19.93
N THR A 92 4.18 -21.43 -20.31
CA THR A 92 4.15 -22.42 -21.38
C THR A 92 3.37 -23.68 -21.08
N TYR A 93 3.21 -24.05 -19.80
CA TYR A 93 2.51 -25.29 -19.47
C TYR A 93 1.09 -25.12 -18.96
N GLY A 94 0.56 -23.91 -18.98
CA GLY A 94 -0.84 -23.73 -18.71
C GLY A 94 -1.26 -23.88 -17.25
N ASN A 95 -2.53 -24.11 -16.99
CA ASN A 95 -3.01 -24.08 -15.63
C ASN A 95 -2.56 -25.32 -14.85
N LEU A 96 -2.37 -25.12 -13.55
CA LEU A 96 -1.78 -26.14 -12.70
C LEU A 96 -2.67 -27.36 -12.53
N LEU A 97 -3.98 -27.17 -12.56
CA LEU A 97 -4.88 -28.32 -12.37
C LEU A 97 -4.70 -29.33 -13.51
N ASP A 98 -4.75 -28.86 -14.74
CA ASP A 98 -4.54 -29.77 -15.85
C ASP A 98 -3.10 -30.26 -15.90
N TYR A 99 -2.12 -29.43 -15.51
CA TYR A 99 -0.74 -29.88 -15.45
C TYR A 99 -0.60 -31.11 -14.53
N LEU A 100 -1.17 -31.01 -13.35
CA LEU A 100 -1.13 -32.12 -12.41
C LEU A 100 -1.85 -33.36 -12.97
N ARG A 101 -2.98 -33.13 -13.62
CA ARG A 101 -3.78 -34.25 -14.16
C ARG A 101 -3.12 -34.96 -15.34
N GLU A 102 -2.15 -34.31 -15.98
CA GLU A 102 -1.56 -34.82 -17.23
C GLU A 102 -0.08 -35.16 -17.07
N CYS A 103 0.47 -34.99 -15.87
CA CYS A 103 1.92 -35.03 -15.74
C CYS A 103 2.50 -36.43 -15.71
N ASN A 104 3.80 -36.49 -15.93
CA ASN A 104 4.57 -37.69 -15.69
C ASN A 104 5.04 -37.63 -14.25
N ARG A 105 4.61 -38.57 -13.41
CA ARG A 105 4.90 -38.49 -12.00
C ARG A 105 6.33 -38.85 -11.62
N GLN A 106 7.08 -39.42 -12.54
CA GLN A 106 8.50 -39.61 -12.30
C GLN A 106 9.22 -38.25 -12.36
N GLU A 107 8.66 -37.33 -13.15
CA GLU A 107 9.17 -35.96 -13.21
C GLU A 107 8.56 -35.11 -12.11
N VAL A 108 7.23 -35.11 -12.01
CA VAL A 108 6.56 -34.34 -10.97
C VAL A 108 6.45 -35.22 -9.75
N SER A 109 7.58 -35.35 -9.05
CA SER A 109 7.75 -36.25 -7.90
C SER A 109 7.47 -35.50 -6.59
N ALA A 110 7.69 -36.18 -5.47
CA ALA A 110 7.43 -35.59 -4.16
C ALA A 110 8.11 -34.23 -3.99
N VAL A 111 9.36 -34.10 -4.42
CA VAL A 111 10.06 -32.84 -4.20
C VAL A 111 9.41 -31.75 -5.04
N VAL A 112 8.92 -32.09 -6.22
CA VAL A 112 8.28 -31.09 -7.07
C VAL A 112 6.94 -30.64 -6.48
N LEU A 113 6.19 -31.54 -5.86
CA LEU A 113 4.94 -31.11 -5.22
C LEU A 113 5.24 -30.12 -4.11
N LEU A 114 6.32 -30.34 -3.34
CA LEU A 114 6.73 -29.39 -2.30
C LEU A 114 7.19 -28.09 -2.96
N TYR A 115 7.92 -28.16 -4.05
CA TYR A 115 8.35 -26.98 -4.75
C TYR A 115 7.15 -26.13 -5.21
N MET A 116 6.13 -26.78 -5.76
CA MET A 116 4.92 -26.08 -6.16
C MET A 116 4.29 -25.35 -5.00
N ALA A 117 4.09 -26.02 -3.87
CA ALA A 117 3.47 -25.39 -2.72
C ALA A 117 4.34 -24.24 -2.18
N THR A 118 5.66 -24.42 -2.23
CA THR A 118 6.56 -23.38 -1.73
C THR A 118 6.44 -22.10 -2.58
N GLN A 119 6.41 -22.26 -3.91
CA GLN A 119 6.27 -21.12 -4.81
C GLN A 119 4.95 -20.40 -4.62
N ILE A 120 3.86 -21.17 -4.51
CA ILE A 120 2.56 -20.55 -4.32
C ILE A 120 2.51 -19.82 -2.99
N SER A 121 3.02 -20.47 -1.94
CA SER A 121 2.98 -19.80 -0.64
C SER A 121 3.86 -18.54 -0.63
N SER A 122 4.93 -18.49 -1.42
CA SER A 122 5.75 -17.28 -1.53
C SER A 122 4.95 -16.14 -2.17
N ALA A 123 4.23 -16.44 -3.25
CA ALA A 123 3.34 -15.46 -3.86
C ALA A 123 2.31 -14.98 -2.86
N MET A 124 1.74 -15.91 -2.10
CA MET A 124 0.68 -15.51 -1.18
C MET A 124 1.22 -14.72 0.02
N GLU A 125 2.44 -15.03 0.46
CA GLU A 125 3.08 -14.20 1.49
C GLU A 125 3.21 -12.76 1.02
N TYR A 126 3.60 -12.58 -0.24
CA TYR A 126 3.69 -11.27 -0.83
C TYR A 126 2.32 -10.62 -0.92
N LEU A 127 1.28 -11.34 -1.38
CA LEU A 127 -0.03 -10.70 -1.45
C LEU A 127 -0.54 -10.35 -0.04
N GLU A 128 -0.14 -11.12 0.97
CA GLU A 128 -0.52 -10.82 2.33
C GLU A 128 0.13 -9.50 2.78
N LYS A 129 1.39 -9.27 2.38
CA LYS A 129 2.05 -7.99 2.68
C LYS A 129 1.32 -6.83 1.98
N LYS A 130 0.89 -7.04 0.74
CA LYS A 130 0.18 -6.01 0.01
C LYS A 130 -1.25 -5.83 0.52
N ASN A 131 -1.73 -6.77 1.32
CA ASN A 131 -3.14 -6.89 1.68
C ASN A 131 -4.07 -6.92 0.48
N PHE A 132 -3.66 -7.69 -0.52
CA PHE A 132 -4.55 -8.01 -1.63
C PHE A 132 -5.19 -9.37 -1.38
N ILE A 133 -6.51 -9.39 -1.24
CA ILE A 133 -7.23 -10.62 -0.96
C ILE A 133 -7.59 -11.21 -2.33
N HIS A 134 -7.14 -12.42 -2.57
CA HIS A 134 -7.27 -13.01 -3.90
C HIS A 134 -8.72 -13.43 -4.20
N ARG A 135 -9.33 -14.15 -3.24
CA ARG A 135 -10.72 -14.59 -3.26
C ARG A 135 -10.99 -15.86 -4.05
N ASP A 136 -10.05 -16.35 -4.87
CA ASP A 136 -10.35 -17.57 -5.63
C ASP A 136 -9.09 -18.37 -5.90
N LEU A 137 -8.32 -18.60 -4.83
CA LEU A 137 -7.11 -19.38 -5.00
C LEU A 137 -7.47 -20.85 -5.17
N ALA A 138 -6.87 -21.48 -6.16
CA ALA A 138 -7.18 -22.88 -6.53
C ALA A 138 -6.22 -23.26 -7.64
N ALA A 139 -6.04 -24.55 -7.88
CA ALA A 139 -5.08 -24.95 -8.89
C ALA A 139 -5.45 -24.43 -10.28
N ARG A 140 -6.75 -24.29 -10.53
CA ARG A 140 -7.24 -23.81 -11.84
C ARG A 140 -6.81 -22.38 -12.12
N ASN A 141 -6.44 -21.63 -11.07
CA ASN A 141 -5.97 -20.24 -11.20
C ASN A 141 -4.47 -20.10 -11.04
N CYS A 142 -3.74 -21.19 -11.00
CA CYS A 142 -2.28 -21.13 -11.04
C CYS A 142 -1.77 -21.55 -12.41
N LEU A 143 -0.60 -21.07 -12.79
CA LEU A 143 0.00 -21.34 -14.11
C LEU A 143 1.39 -21.92 -13.95
N VAL A 144 1.80 -22.70 -14.94
CA VAL A 144 3.06 -23.45 -14.87
C VAL A 144 3.94 -23.10 -16.06
N GLY A 145 5.22 -22.90 -15.79
CA GLY A 145 6.18 -22.68 -16.85
C GLY A 145 7.25 -23.75 -16.86
N GLU A 146 8.40 -23.42 -17.44
CA GLU A 146 9.47 -24.41 -17.53
C GLU A 146 10.01 -24.78 -16.16
N ASN A 147 10.49 -26.02 -16.04
CA ASN A 147 11.14 -26.47 -14.82
C ASN A 147 10.26 -26.31 -13.59
N HIS A 148 8.98 -26.55 -13.80
CA HIS A 148 7.99 -26.57 -12.73
C HIS A 148 7.82 -25.23 -12.00
N LEU A 149 8.16 -24.14 -12.70
CA LEU A 149 7.87 -22.79 -12.20
C LEU A 149 6.34 -22.62 -12.09
N VAL A 150 5.88 -22.13 -10.95
CA VAL A 150 4.43 -21.94 -10.75
C VAL A 150 4.19 -20.50 -10.35
N LYS A 151 3.17 -19.90 -10.94
CA LYS A 151 2.77 -18.56 -10.57
C LYS A 151 1.28 -18.52 -10.29
N VAL A 152 0.89 -17.69 -9.33
CA VAL A 152 -0.51 -17.45 -9.04
C VAL A 152 -1.06 -16.44 -10.04
N ALA A 153 -2.31 -16.67 -10.45
CA ALA A 153 -3.00 -15.79 -11.39
C ALA A 153 -4.46 -15.70 -10.95
N ASP A 154 -5.28 -15.02 -11.73
CA ASP A 154 -6.73 -15.02 -11.50
C ASP A 154 -7.41 -14.76 -12.81
N PHE A 155 -8.31 -15.65 -13.19
CA PHE A 155 -9.01 -15.53 -14.47
C PHE A 155 -10.44 -15.10 -14.33
N GLY A 156 -10.88 -14.78 -13.12
CA GLY A 156 -12.27 -14.37 -12.94
C GLY A 156 -13.23 -15.44 -13.40
N LEU A 157 -13.03 -16.67 -12.95
CA LEU A 157 -13.66 -17.85 -13.56
C LEU A 157 -15.12 -18.09 -13.15
N SER A 158 -15.63 -17.39 -12.13
CA SER A 158 -16.91 -17.82 -11.56
C SER A 158 -18.11 -17.80 -12.51
N ARG A 159 -18.11 -16.91 -13.50
CA ARG A 159 -19.19 -16.93 -14.49
C ARG A 159 -18.70 -17.35 -15.87
N LEU A 160 -17.49 -17.90 -15.92
CA LEU A 160 -16.93 -18.36 -17.18
C LEU A 160 -16.89 -19.88 -17.22
N MET A 161 -16.52 -20.47 -16.09
CA MET A 161 -16.25 -21.89 -16.06
C MET A 161 -17.51 -22.64 -15.67
N THR A 162 -17.95 -23.52 -16.56
CA THR A 162 -19.24 -24.19 -16.37
C THR A 162 -19.06 -25.54 -15.71
N GLY A 163 -20.17 -26.09 -15.21
CA GLY A 163 -20.10 -27.35 -14.49
C GLY A 163 -20.24 -27.12 -13.00
N ASP A 164 -19.74 -28.05 -12.19
CA ASP A 164 -19.97 -28.07 -10.75
C ASP A 164 -19.00 -27.20 -9.92
N THR A 165 -17.93 -26.70 -10.55
CA THR A 165 -16.91 -26.02 -9.76
C THR A 165 -17.53 -24.82 -9.03
N TYR A 166 -18.25 -23.99 -9.78
CA TYR A 166 -18.91 -22.81 -9.24
C TYR A 166 -20.41 -23.03 -9.26
N THR A 167 -21.07 -22.71 -8.16
CA THR A 167 -22.52 -22.85 -8.10
C THR A 167 -23.16 -21.66 -7.40
N ALA A 168 -24.48 -21.53 -7.56
CA ALA A 168 -25.22 -20.39 -7.04
C ALA A 168 -25.14 -20.32 -5.52
N HIS A 169 -24.79 -19.15 -5.02
CA HIS A 169 -24.73 -18.92 -3.60
C HIS A 169 -24.65 -17.41 -3.37
N ALA A 170 -25.48 -16.91 -2.46
CA ALA A 170 -25.47 -15.50 -2.11
C ALA A 170 -25.57 -14.58 -3.33
N GLY A 171 -26.43 -14.94 -4.28
CA GLY A 171 -26.67 -14.07 -5.43
C GLY A 171 -25.51 -14.00 -6.40
N ALA A 172 -24.49 -14.82 -6.16
CA ALA A 172 -23.34 -14.90 -7.05
C ALA A 172 -23.05 -16.37 -7.34
N LYS A 173 -21.85 -16.65 -7.83
CA LYS A 173 -21.40 -18.03 -7.97
C LYS A 173 -20.10 -18.24 -7.22
N PHE A 174 -20.10 -19.22 -6.31
CA PHE A 174 -18.97 -19.53 -5.43
C PHE A 174 -18.41 -20.90 -5.75
N PRO A 175 -17.09 -21.08 -5.61
CA PRO A 175 -16.50 -22.41 -5.64
C PRO A 175 -16.62 -22.99 -4.24
N ILE A 176 -17.76 -23.60 -3.97
CA ILE A 176 -18.10 -23.96 -2.59
C ILE A 176 -16.99 -24.77 -1.91
N LYS A 177 -16.39 -25.69 -2.62
CA LYS A 177 -15.41 -26.57 -2.00
C LYS A 177 -14.06 -25.92 -1.66
N TRP A 178 -13.85 -24.69 -2.12
CA TRP A 178 -12.63 -23.95 -1.76
C TRP A 178 -12.93 -22.82 -0.80
N THR A 179 -14.20 -22.64 -0.44
CA THR A 179 -14.63 -21.43 0.28
C THR A 179 -14.64 -21.60 1.80
N ALA A 180 -13.98 -20.69 2.51
CA ALA A 180 -13.96 -20.76 3.97
C ALA A 180 -15.36 -20.63 4.54
N PRO A 181 -15.60 -21.24 5.71
CA PRO A 181 -16.93 -21.21 6.31
C PRO A 181 -17.50 -19.81 6.50
N GLU A 182 -16.69 -18.86 6.98
CA GLU A 182 -17.20 -17.53 7.23
C GLU A 182 -17.47 -16.77 5.94
N SER A 183 -16.83 -17.19 4.84
CA SER A 183 -17.13 -16.63 3.54
C SER A 183 -18.47 -17.14 3.01
N LEU A 184 -18.73 -18.44 3.21
CA LEU A 184 -20.03 -19.03 2.87
C LEU A 184 -21.16 -18.43 3.71
N ALA A 185 -20.93 -18.32 5.01
CA ALA A 185 -22.02 -17.94 5.91
C ALA A 185 -22.28 -16.44 5.93
N TYR A 186 -21.21 -15.64 5.91
CA TYR A 186 -21.32 -14.20 6.17
C TYR A 186 -20.72 -13.32 5.08
N ASN A 187 -20.30 -13.95 4.00
CA ASN A 187 -19.68 -13.24 2.87
C ASN A 187 -18.42 -12.51 3.30
N LYS A 188 -17.73 -13.04 4.32
CA LYS A 188 -16.54 -12.42 4.87
C LYS A 188 -15.30 -13.02 4.19
N PHE A 189 -14.66 -12.23 3.34
CA PHE A 189 -13.41 -12.61 2.67
C PHE A 189 -12.23 -11.84 3.25
N SER A 190 -11.09 -12.50 3.37
CA SER A 190 -9.94 -11.93 4.03
C SER A 190 -8.71 -12.71 3.59
N ILE A 191 -7.53 -12.26 3.98
CA ILE A 191 -6.33 -13.06 3.76
C ILE A 191 -6.53 -14.44 4.40
N LYS A 192 -7.20 -14.51 5.56
CA LYS A 192 -7.42 -15.81 6.19
C LYS A 192 -8.37 -16.73 5.41
N SER A 193 -9.32 -16.21 4.66
CA SER A 193 -10.07 -17.11 3.76
C SER A 193 -9.22 -17.54 2.57
N ASP A 194 -8.26 -16.74 2.13
CA ASP A 194 -7.28 -17.21 1.15
C ASP A 194 -6.44 -18.34 1.75
N VAL A 195 -6.10 -18.24 3.04
CA VAL A 195 -5.35 -19.33 3.68
C VAL A 195 -6.15 -20.64 3.67
N TRP A 196 -7.45 -20.56 3.95
CA TRP A 196 -8.30 -21.76 3.86
C TRP A 196 -8.22 -22.37 2.46
N ALA A 197 -8.38 -21.52 1.44
CA ALA A 197 -8.35 -21.98 0.05
C ALA A 197 -6.99 -22.59 -0.29
N PHE A 198 -5.90 -21.99 0.23
CA PHE A 198 -4.58 -22.58 0.05
C PHE A 198 -4.52 -23.99 0.59
N GLY A 199 -5.18 -24.26 1.71
CA GLY A 199 -5.20 -25.62 2.22
C GLY A 199 -5.87 -26.58 1.25
N VAL A 200 -6.96 -26.15 0.64
CA VAL A 200 -7.61 -26.97 -0.39
C VAL A 200 -6.68 -27.17 -1.60
N LEU A 201 -6.00 -26.10 -2.02
CA LEU A 201 -5.01 -26.21 -3.06
C LEU A 201 -3.90 -27.20 -2.70
N LEU A 202 -3.46 -27.23 -1.43
CA LEU A 202 -2.48 -28.25 -1.05
C LEU A 202 -3.00 -29.66 -1.29
N TRP A 203 -4.28 -29.84 -1.02
CA TRP A 203 -4.88 -31.16 -1.22
C TRP A 203 -4.99 -31.46 -2.73
N GLU A 204 -5.32 -30.46 -3.55
CA GLU A 204 -5.28 -30.65 -5.00
C GLU A 204 -3.90 -31.09 -5.44
N ILE A 205 -2.85 -30.47 -4.91
CA ILE A 205 -1.50 -30.81 -5.32
C ILE A 205 -1.17 -32.25 -4.87
N ALA A 206 -1.52 -32.58 -3.62
CA ALA A 206 -1.21 -33.89 -3.06
C ALA A 206 -1.87 -35.04 -3.81
N THR A 207 -3.01 -34.77 -4.43
CA THR A 207 -3.79 -35.78 -5.14
C THR A 207 -3.57 -35.71 -6.66
N TYR A 208 -2.62 -34.91 -7.12
CA TYR A 208 -2.42 -34.71 -8.56
C TYR A 208 -3.71 -34.25 -9.24
N GLY A 209 -4.46 -33.39 -8.56
CA GLY A 209 -5.55 -32.71 -9.20
C GLY A 209 -6.91 -33.38 -9.09
N MET A 210 -7.13 -34.14 -8.01
CA MET A 210 -8.49 -34.61 -7.77
C MET A 210 -9.41 -33.47 -7.40
N SER A 211 -10.69 -33.62 -7.69
CA SER A 211 -11.70 -32.70 -7.21
C SER A 211 -11.90 -32.92 -5.70
N PRO A 212 -12.01 -31.83 -4.92
CA PRO A 212 -12.04 -31.98 -3.45
C PRO A 212 -13.35 -32.58 -2.92
N TYR A 213 -13.31 -32.99 -1.66
CA TYR A 213 -14.45 -33.63 -0.99
C TYR A 213 -15.13 -34.68 -1.87
N PRO A 214 -14.37 -35.67 -2.33
CA PRO A 214 -14.88 -36.64 -3.31
C PRO A 214 -16.20 -37.29 -2.92
N GLY A 215 -17.19 -37.18 -3.80
CA GLY A 215 -18.47 -37.86 -3.59
C GLY A 215 -19.40 -37.20 -2.59
N ILE A 216 -18.98 -36.07 -2.04
CA ILE A 216 -19.81 -35.30 -1.11
C ILE A 216 -20.56 -34.21 -1.88
N ASP A 217 -21.87 -34.16 -1.69
CA ASP A 217 -22.68 -33.16 -2.37
C ASP A 217 -22.34 -31.76 -1.86
N LEU A 218 -22.37 -30.78 -2.76
CA LEU A 218 -22.13 -29.39 -2.38
C LEU A 218 -23.04 -28.92 -1.25
N SER A 219 -24.27 -29.44 -1.22
CA SER A 219 -25.28 -29.01 -0.26
C SER A 219 -24.90 -29.36 1.17
N GLN A 220 -23.97 -30.28 1.32
CA GLN A 220 -23.65 -30.83 2.62
C GLN A 220 -22.34 -30.27 3.19
N VAL A 221 -21.57 -29.57 2.35
CA VAL A 221 -20.21 -29.22 2.74
C VAL A 221 -20.15 -28.35 4.01
N TYR A 222 -20.96 -27.30 4.07
CA TYR A 222 -20.91 -26.40 5.21
C TYR A 222 -21.27 -27.12 6.51
N GLU A 223 -22.36 -27.89 6.48
CA GLU A 223 -22.81 -28.65 7.64
C GLU A 223 -21.74 -29.59 8.15
N LEU A 224 -21.06 -30.26 7.24
CA LEU A 224 -19.99 -31.14 7.61
C LEU A 224 -18.80 -30.38 8.23
N LEU A 225 -18.40 -29.26 7.62
CA LEU A 225 -17.30 -28.47 8.19
C LEU A 225 -17.67 -28.02 9.60
N GLU A 226 -18.93 -27.66 9.78
CA GLU A 226 -19.33 -27.13 11.08
C GLU A 226 -19.29 -28.23 12.17
N LYS A 227 -19.39 -29.50 11.75
CA LYS A 227 -19.25 -30.64 12.67
C LYS A 227 -17.80 -31.04 12.88
N ASP A 228 -16.88 -30.31 12.22
CA ASP A 228 -15.44 -30.52 12.26
C ASP A 228 -14.94 -31.60 11.32
N TYR A 229 -15.78 -32.00 10.38
CA TYR A 229 -15.29 -32.87 9.31
C TYR A 229 -14.29 -32.08 8.44
N ARG A 230 -13.20 -32.74 8.08
CA ARG A 230 -12.23 -32.17 7.13
C ARG A 230 -11.76 -33.33 6.23
N MET A 231 -11.30 -33.02 5.02
CA MET A 231 -10.79 -34.06 4.14
C MET A 231 -9.68 -34.84 4.83
N GLU A 232 -9.64 -36.15 4.54
CA GLU A 232 -8.62 -37.04 5.04
C GLU A 232 -7.29 -36.79 4.35
N ARG A 233 -6.22 -37.23 5.00
CA ARG A 233 -4.90 -37.14 4.43
C ARG A 233 -4.81 -38.01 3.19
N PRO A 234 -4.40 -37.43 2.05
CA PRO A 234 -4.27 -38.25 0.84
C PRO A 234 -3.16 -39.27 0.99
N GLU A 235 -3.32 -40.41 0.32
CA GLU A 235 -2.26 -41.39 0.26
C GLU A 235 -0.97 -40.75 -0.22
N GLY A 236 0.12 -41.01 0.49
CA GLY A 236 1.40 -40.45 0.10
C GLY A 236 1.70 -39.05 0.58
N CYS A 237 0.71 -38.38 1.18
CA CYS A 237 0.93 -37.02 1.65
C CYS A 237 1.72 -37.05 2.96
N PRO A 238 2.83 -36.30 3.03
CA PRO A 238 3.60 -36.22 4.28
C PRO A 238 2.75 -35.71 5.45
N GLU A 239 2.98 -36.27 6.63
CA GLU A 239 2.20 -35.87 7.78
C GLU A 239 2.31 -34.37 8.07
N LYS A 240 3.51 -33.82 7.92
CA LYS A 240 3.72 -32.40 8.18
C LYS A 240 2.90 -31.52 7.21
N VAL A 241 2.77 -32.00 5.97
CA VAL A 241 1.99 -31.25 4.99
C VAL A 241 0.52 -31.33 5.32
N TYR A 242 0.05 -32.51 5.73
CA TYR A 242 -1.32 -32.61 6.17
C TYR A 242 -1.60 -31.76 7.41
N GLU A 243 -0.67 -31.70 8.36
CA GLU A 243 -0.82 -30.82 9.50
C GLU A 243 -1.01 -29.36 9.07
N LEU A 244 -0.27 -28.95 8.04
CA LEU A 244 -0.45 -27.61 7.52
C LEU A 244 -1.82 -27.43 6.87
N MET A 245 -2.30 -28.44 6.13
CA MET A 245 -3.67 -28.35 5.63
C MET A 245 -4.66 -28.14 6.76
N ARG A 246 -4.52 -28.93 7.82
CA ARG A 246 -5.48 -28.85 8.90
C ARG A 246 -5.41 -27.50 9.62
N ALA A 247 -4.21 -26.93 9.70
CA ALA A 247 -4.07 -25.57 10.25
C ALA A 247 -4.79 -24.54 9.38
N CYS A 248 -4.67 -24.70 8.05
CA CYS A 248 -5.36 -23.79 7.12
C CYS A 248 -6.88 -23.90 7.23
N TRP A 249 -7.35 -25.06 7.69
CA TRP A 249 -8.77 -25.30 7.81
C TRP A 249 -9.30 -25.16 9.24
N GLN A 250 -8.59 -24.42 10.07
CA GLN A 250 -9.15 -24.08 11.37
C GLN A 250 -10.45 -23.31 11.16
N TRP A 251 -11.46 -23.61 11.98
CA TRP A 251 -12.74 -22.96 11.83
C TRP A 251 -12.63 -21.45 12.03
N ASN A 252 -11.98 -21.04 13.11
CA ASN A 252 -11.80 -19.61 13.40
C ASN A 252 -10.68 -19.07 12.52
N PRO A 253 -10.97 -18.05 11.69
CA PRO A 253 -9.90 -17.55 10.81
C PRO A 253 -8.65 -17.10 11.55
N SER A 254 -8.82 -16.56 12.76
CA SER A 254 -7.68 -16.09 13.54
C SER A 254 -6.76 -17.22 13.97
N ASP A 255 -7.26 -18.45 13.94
CA ASP A 255 -6.46 -19.61 14.30
C ASP A 255 -5.63 -20.19 13.14
N ARG A 256 -5.87 -19.70 11.93
CA ARG A 256 -5.15 -20.19 10.74
C ARG A 256 -3.80 -19.48 10.69
N PRO A 257 -2.78 -20.16 10.21
CA PRO A 257 -1.45 -19.55 10.12
C PRO A 257 -1.43 -18.41 9.10
N SER A 258 -0.44 -17.53 9.21
CA SER A 258 -0.21 -16.54 8.17
C SER A 258 0.48 -17.19 6.98
N PHE A 259 0.44 -16.52 5.83
CA PHE A 259 1.20 -17.03 4.71
C PHE A 259 2.72 -16.93 4.93
N ALA A 260 3.16 -15.95 5.72
CA ALA A 260 4.58 -15.92 6.07
C ALA A 260 4.99 -17.22 6.79
N GLU A 261 4.18 -17.64 7.74
CA GLU A 261 4.45 -18.88 8.45
C GLU A 261 4.38 -20.10 7.55
N ILE A 262 3.34 -20.13 6.71
CA ILE A 262 3.18 -21.25 5.78
C ILE A 262 4.40 -21.34 4.85
N HIS A 263 4.79 -20.21 4.26
CA HIS A 263 5.92 -20.25 3.36
C HIS A 263 7.22 -20.72 4.03
N GLN A 264 7.49 -20.24 5.25
CA GLN A 264 8.69 -20.70 5.92
C GLN A 264 8.66 -22.20 6.15
N ALA A 265 7.51 -22.72 6.55
CA ALA A 265 7.39 -24.16 6.75
C ALA A 265 7.64 -24.94 5.47
N PHE A 266 7.04 -24.49 4.36
CA PHE A 266 7.26 -25.19 3.11
C PHE A 266 8.67 -25.06 2.57
N GLU A 267 9.26 -23.86 2.70
CA GLU A 267 10.63 -23.72 2.22
C GLU A 267 11.54 -24.71 2.96
N THR A 268 11.32 -24.86 4.27
CA THR A 268 12.14 -25.80 5.04
C THR A 268 11.94 -27.23 4.57
N MET A 269 10.69 -27.65 4.37
CA MET A 269 10.44 -29.00 3.88
C MET A 269 10.98 -29.22 2.48
N PHE A 270 10.86 -28.21 1.63
CA PHE A 270 11.37 -28.32 0.28
C PHE A 270 12.88 -28.49 0.25
N GLN A 271 13.61 -27.71 1.05
CA GLN A 271 15.07 -27.83 1.06
C GLN A 271 15.50 -29.22 1.55
N GLU A 272 14.79 -29.75 2.54
CA GLU A 272 15.10 -31.09 3.04
C GLU A 272 14.84 -32.16 1.98
N SER A 273 13.69 -32.07 1.32
CA SER A 273 13.35 -32.99 0.24
C SER A 273 14.33 -32.88 -0.93
N SER A 274 14.80 -31.66 -1.21
CA SER A 274 15.75 -31.43 -2.30
C SER A 274 17.07 -32.13 -2.03
N ILE A 275 17.53 -32.09 -0.79
CA ILE A 275 18.75 -32.82 -0.43
C ILE A 275 18.60 -34.31 -0.74
N SER A 276 17.51 -34.91 -0.29
CA SER A 276 17.31 -36.33 -0.53
C SER A 276 17.20 -36.60 -2.03
N ASP A 277 16.54 -35.71 -2.76
CA ASP A 277 16.35 -35.90 -4.20
C ASP A 277 17.67 -35.80 -4.96
N GLU A 278 18.50 -34.82 -4.60
CA GLU A 278 19.79 -34.65 -5.25
C GLU A 278 20.70 -35.85 -5.00
N VAL A 279 20.64 -36.42 -3.79
CA VAL A 279 21.45 -37.59 -3.50
C VAL A 279 20.97 -38.77 -4.32
N GLU A 280 19.66 -38.96 -4.39
CA GLU A 280 19.09 -40.06 -5.14
C GLU A 280 19.41 -39.94 -6.64
N LYS A 281 19.40 -38.72 -7.16
CA LYS A 281 19.76 -38.49 -8.56
C LYS A 281 21.23 -38.81 -8.81
N GLU A 282 22.09 -38.43 -7.87
CA GLU A 282 23.54 -38.60 -8.02
C GLU A 282 23.87 -40.08 -8.05
N LEU A 283 23.22 -40.85 -7.20
CA LEU A 283 23.37 -42.29 -7.23
C LEU A 283 22.79 -42.79 -8.56
N GLY A 284 23.68 -43.24 -9.44
CA GLY A 284 23.30 -43.51 -10.82
C GLY A 284 22.91 -42.23 -11.55
N GLY B 1 1.60 -9.29 28.54
CA GLY B 1 1.78 -10.28 29.66
C GLY B 1 1.03 -11.57 29.39
N SER B 2 0.41 -11.65 28.22
CA SER B 2 -0.33 -12.84 27.79
C SER B 2 0.03 -13.01 26.30
N PRO B 3 -0.29 -14.15 25.69
CA PRO B 3 0.36 -14.47 24.41
C PRO B 3 0.10 -13.52 23.24
N ASN B 4 -1.06 -12.87 23.22
CA ASN B 4 -1.42 -11.99 22.11
C ASN B 4 -1.31 -10.53 22.51
N TYR B 5 -0.56 -10.25 23.57
CA TYR B 5 -0.31 -8.86 23.98
C TYR B 5 0.49 -8.10 22.93
N ASP B 6 0.06 -6.88 22.67
CA ASP B 6 0.82 -5.95 21.81
C ASP B 6 0.72 -4.59 22.46
N LYS B 7 1.86 -4.01 22.80
CA LYS B 7 1.87 -2.84 23.65
C LYS B 7 1.20 -1.62 23.00
N TRP B 8 1.11 -1.58 21.68
CA TRP B 8 0.48 -0.43 21.01
C TRP B 8 -1.01 -0.64 20.69
N GLU B 9 -1.49 -1.88 20.69
CA GLU B 9 -2.85 -2.13 20.28
C GLU B 9 -3.83 -1.75 21.39
N MET B 10 -4.91 -1.12 20.97
CA MET B 10 -6.00 -0.77 21.87
C MET B 10 -7.28 -1.41 21.35
N GLU B 11 -8.28 -1.53 22.21
CA GLU B 11 -9.59 -1.95 21.76
C GLU B 11 -10.31 -0.72 21.17
N ARG B 12 -11.02 -0.90 20.05
CA ARG B 12 -11.75 0.22 19.46
C ARG B 12 -12.74 0.82 20.45
N THR B 13 -13.36 -0.03 21.26
CA THR B 13 -14.36 0.46 22.22
C THR B 13 -13.74 1.34 23.32
N ASP B 14 -12.42 1.43 23.39
CA ASP B 14 -11.75 2.34 24.33
C ASP B 14 -12.02 3.80 23.94
N ILE B 15 -12.43 4.02 22.70
CA ILE B 15 -12.49 5.37 22.13
C ILE B 15 -13.93 5.70 21.78
N THR B 16 -14.39 6.84 22.28
CA THR B 16 -15.63 7.44 21.79
C THR B 16 -15.32 8.19 20.51
N MET B 17 -15.98 7.85 19.43
CA MET B 17 -15.74 8.53 18.16
C MET B 17 -16.70 9.71 18.03
N LYS B 18 -16.18 10.87 17.65
CA LYS B 18 -17.01 12.05 17.45
C LYS B 18 -16.97 12.47 15.99
N HIS B 19 -16.90 13.78 15.70
CA HIS B 19 -17.08 14.25 14.32
C HIS B 19 -15.81 14.21 13.48
N LYS B 20 -15.99 14.24 12.17
CA LYS B 20 -14.90 14.31 11.22
C LYS B 20 -14.24 15.67 11.24
N LEU B 21 -12.91 15.67 11.22
CA LEU B 21 -12.11 16.89 11.24
C LEU B 21 -11.67 17.19 9.81
N GLY B 22 -11.58 18.47 9.47
CA GLY B 22 -10.98 18.82 8.20
C GLY B 22 -11.90 18.87 6.99
N GLY B 23 -13.18 18.54 7.19
CA GLY B 23 -14.15 18.72 6.11
C GLY B 23 -14.02 17.74 4.97
N GLY B 24 -13.29 16.65 5.19
CA GLY B 24 -13.04 15.70 4.12
C GLY B 24 -11.75 15.99 3.39
N GLN B 25 -11.31 17.26 3.45
CA GLN B 25 -10.05 17.66 2.83
C GLN B 25 -8.87 16.97 3.49
N TYR B 26 -9.07 16.47 4.71
CA TYR B 26 -8.01 15.75 5.43
C TYR B 26 -8.28 14.27 5.57
N GLY B 27 -9.21 13.75 4.79
CA GLY B 27 -9.50 12.33 4.84
C GLY B 27 -10.32 11.91 6.05
N GLU B 28 -10.15 10.65 6.41
CA GLU B 28 -10.92 9.99 7.45
C GLU B 28 -10.27 10.19 8.81
N VAL B 29 -10.30 11.44 9.26
CA VAL B 29 -9.74 11.77 10.56
C VAL B 29 -10.87 12.35 11.43
N TYR B 30 -10.95 11.87 12.67
CA TYR B 30 -12.08 12.17 13.54
C TYR B 30 -11.58 12.61 14.89
N GLU B 31 -12.32 13.49 15.56
CA GLU B 31 -12.09 13.70 16.97
C GLU B 31 -12.62 12.51 17.77
N GLY B 32 -11.92 12.15 18.83
CA GLY B 32 -12.41 11.10 19.71
C GLY B 32 -12.04 11.38 21.15
N VAL B 33 -12.49 10.51 22.05
CA VAL B 33 -12.09 10.56 23.43
C VAL B 33 -11.64 9.17 23.90
N TRP B 34 -10.47 9.11 24.51
CA TRP B 34 -9.98 7.91 25.15
C TRP B 34 -10.64 7.87 26.53
N LYS B 35 -11.67 7.05 26.64
CA LYS B 35 -12.64 7.19 27.72
C LYS B 35 -12.03 7.01 29.11
N LYS B 36 -11.21 5.99 29.25
CA LYS B 36 -10.66 5.66 30.56
C LYS B 36 -9.84 6.80 31.13
N TYR B 37 -9.30 7.64 30.26
CA TYR B 37 -8.38 8.68 30.70
C TYR B 37 -8.92 10.09 30.47
N SER B 38 -10.18 10.18 30.06
CA SER B 38 -10.81 11.47 29.80
C SER B 38 -9.96 12.37 28.90
N LEU B 39 -9.43 11.78 27.84
CA LEU B 39 -8.49 12.50 26.99
C LEU B 39 -9.02 12.64 25.57
N THR B 40 -9.13 13.86 25.07
CA THR B 40 -9.47 14.06 23.68
C THR B 40 -8.30 13.62 22.81
N VAL B 41 -8.61 12.88 21.75
CA VAL B 41 -7.61 12.35 20.82
C VAL B 41 -8.05 12.60 19.38
N ALA B 42 -7.14 12.36 18.41
CA ALA B 42 -7.55 12.34 17.01
C ALA B 42 -7.40 10.91 16.53
N VAL B 43 -8.25 10.50 15.61
CA VAL B 43 -8.27 9.11 15.14
C VAL B 43 -8.36 9.10 13.63
N LYS B 44 -7.42 8.43 12.98
CA LYS B 44 -7.51 8.17 11.55
C LYS B 44 -8.05 6.76 11.38
N THR B 45 -9.03 6.60 10.49
CA THR B 45 -9.65 5.29 10.31
C THR B 45 -9.59 4.83 8.87
N LEU B 46 -9.54 3.52 8.71
CA LEU B 46 -9.63 2.89 7.39
C LEU B 46 -10.66 1.78 7.54
N LYS B 47 -11.81 1.94 6.88
CA LYS B 47 -12.92 1.04 7.15
C LYS B 47 -12.81 -0.31 6.49
N GLU B 48 -12.25 -0.35 5.29
CA GLU B 48 -12.33 -1.59 4.53
C GLU B 48 -10.99 -2.29 4.41
N ASP B 49 -11.06 -3.60 4.17
CA ASP B 49 -9.89 -4.45 4.16
C ASP B 49 -9.35 -4.54 2.74
N THR B 50 -8.69 -3.49 2.27
CA THR B 50 -8.22 -3.41 0.89
C THR B 50 -6.72 -3.25 0.85
N MET B 51 -6.15 -3.05 -0.33
CA MET B 51 -4.72 -2.87 -0.44
C MET B 51 -4.23 -1.60 0.25
N GLU B 52 -5.16 -0.68 0.53
CA GLU B 52 -4.80 0.52 1.28
C GLU B 52 -4.27 0.18 2.66
N VAL B 53 -4.61 -0.99 3.18
CA VAL B 53 -4.08 -1.40 4.47
C VAL B 53 -2.55 -1.44 4.51
N GLU B 54 -1.89 -1.76 3.40
CA GLU B 54 -0.44 -1.83 3.45
C GLU B 54 0.17 -0.49 3.89
N GLU B 55 -0.28 0.59 3.25
CA GLU B 55 0.28 1.90 3.61
C GLU B 55 -0.18 2.35 4.98
N PHE B 56 -1.39 1.97 5.39
CA PHE B 56 -1.89 2.34 6.70
C PHE B 56 -1.00 1.69 7.76
N LEU B 57 -0.67 0.42 7.59
CA LEU B 57 0.17 -0.26 8.54
C LEU B 57 1.61 0.25 8.50
N LYS B 58 2.07 0.65 7.33
CA LYS B 58 3.40 1.25 7.23
C LYS B 58 3.45 2.56 8.03
N GLU B 59 2.40 3.35 7.92
CA GLU B 59 2.31 4.58 8.70
C GLU B 59 2.34 4.30 10.18
N ALA B 60 1.54 3.34 10.64
CA ALA B 60 1.56 3.00 12.05
C ALA B 60 2.96 2.55 12.48
N ALA B 61 3.62 1.74 11.66
CA ALA B 61 4.95 1.25 12.02
C ALA B 61 5.95 2.38 12.15
N VAL B 62 5.92 3.36 11.26
CA VAL B 62 6.83 4.49 11.37
C VAL B 62 6.52 5.28 12.63
N MET B 63 5.23 5.53 12.89
CA MET B 63 4.86 6.33 14.04
C MET B 63 5.22 5.69 15.36
N LYS B 64 5.32 4.36 15.40
CA LYS B 64 5.80 3.69 16.62
C LYS B 64 7.29 3.94 16.88
N GLU B 65 8.04 4.31 15.85
CA GLU B 65 9.48 4.50 15.95
C GLU B 65 9.88 5.96 16.14
N ILE B 66 9.06 6.91 15.72
CA ILE B 66 9.47 8.28 15.84
C ILE B 66 8.83 8.92 17.07
N LYS B 67 9.61 9.68 17.82
CA LYS B 67 9.12 10.31 19.01
C LYS B 67 9.92 11.59 19.25
N HIS B 68 9.23 12.72 19.34
CA HIS B 68 9.89 14.01 19.49
C HIS B 68 8.85 15.01 19.94
N PRO B 69 9.24 16.03 20.70
CA PRO B 69 8.25 17.01 21.18
C PRO B 69 7.48 17.72 20.10
N ASN B 70 8.08 17.80 18.90
CA ASN B 70 7.44 18.52 17.79
C ASN B 70 7.00 17.63 16.63
N LEU B 71 6.77 16.36 16.93
CA LEU B 71 6.12 15.43 16.00
C LEU B 71 4.85 14.97 16.65
N VAL B 72 3.75 14.92 15.91
CA VAL B 72 2.49 14.52 16.52
C VAL B 72 2.63 13.10 17.08
N GLN B 73 2.17 12.91 18.32
CA GLN B 73 2.48 11.70 19.09
C GLN B 73 1.43 10.59 18.94
N LEU B 74 1.87 9.43 18.45
CA LEU B 74 1.06 8.21 18.46
C LEU B 74 0.72 7.79 19.90
N LEU B 75 -0.56 7.48 20.15
CA LEU B 75 -1.00 6.95 21.43
C LEU B 75 -1.38 5.48 21.35
N GLY B 76 -1.85 5.03 20.21
CA GLY B 76 -2.29 3.64 20.12
C GLY B 76 -2.76 3.37 18.72
N VAL B 77 -2.98 2.09 18.44
CA VAL B 77 -3.52 1.68 17.15
C VAL B 77 -4.56 0.60 17.35
N CYS B 78 -5.43 0.44 16.36
CA CYS B 78 -6.31 -0.74 16.32
C CYS B 78 -6.09 -1.33 14.95
N THR B 79 -5.24 -2.35 14.88
CA THR B 79 -4.84 -2.82 13.57
C THR B 79 -4.87 -4.34 13.46
N ARG B 80 -5.67 -4.98 14.31
CA ARG B 80 -5.77 -6.43 14.28
C ARG B 80 -6.81 -6.86 13.25
N GLU B 81 -7.71 -5.96 12.88
CA GLU B 81 -8.82 -6.24 11.96
C GLU B 81 -9.47 -4.90 11.61
N PRO B 82 -10.27 -4.85 10.54
CA PRO B 82 -11.02 -3.62 10.21
C PRO B 82 -12.10 -3.36 11.24
N PRO B 83 -12.51 -2.08 11.44
CA PRO B 83 -11.90 -0.87 10.85
C PRO B 83 -10.61 -0.56 11.59
N PHE B 84 -9.61 -0.15 10.83
CA PHE B 84 -8.30 0.11 11.40
C PHE B 84 -8.24 1.54 11.94
N TYR B 85 -7.60 1.72 13.09
CA TYR B 85 -7.41 3.05 13.69
C TYR B 85 -5.93 3.34 13.91
N ILE B 86 -5.57 4.61 13.74
CA ILE B 86 -4.33 5.18 14.32
C ILE B 86 -4.79 6.33 15.21
N ILE B 87 -4.42 6.28 16.48
CA ILE B 87 -4.88 7.24 17.48
C ILE B 87 -3.70 8.09 17.92
N THR B 88 -3.85 9.42 17.84
CA THR B 88 -2.78 10.33 18.24
C THR B 88 -3.31 11.32 19.25
N GLU B 89 -2.38 12.04 19.86
CA GLU B 89 -2.76 13.23 20.62
C GLU B 89 -3.54 14.22 19.75
N PHE B 90 -4.30 15.07 20.46
CA PHE B 90 -5.14 16.06 19.83
C PHE B 90 -4.48 17.44 19.92
N MET B 91 -4.40 18.12 18.78
CA MET B 91 -3.82 19.46 18.72
C MET B 91 -4.95 20.45 18.58
N THR B 92 -5.14 21.25 19.62
CA THR B 92 -6.37 22.02 19.79
C THR B 92 -6.63 23.10 18.76
N TYR B 93 -5.57 23.62 18.13
CA TYR B 93 -5.72 24.70 17.17
C TYR B 93 -5.64 24.31 15.71
N GLY B 94 -5.52 23.01 15.43
CA GLY B 94 -5.65 22.54 14.07
C GLY B 94 -4.46 22.86 13.18
N ASN B 95 -4.65 22.83 11.86
CA ASN B 95 -3.50 22.90 10.97
C ASN B 95 -2.93 24.33 10.91
N LEU B 96 -1.62 24.40 10.68
CA LEU B 96 -0.89 25.65 10.78
C LEU B 96 -1.28 26.65 9.68
N LEU B 97 -1.65 26.17 8.50
CA LEU B 97 -2.01 27.08 7.42
C LEU B 97 -3.23 27.92 7.82
N ASP B 98 -4.28 27.24 8.27
CA ASP B 98 -5.47 27.96 8.68
C ASP B 98 -5.22 28.76 9.94
N TYR B 99 -4.36 28.28 10.84
CA TYR B 99 -4.01 29.05 12.04
C TYR B 99 -3.39 30.39 11.65
N LEU B 100 -2.43 30.37 10.75
CA LEU B 100 -1.82 31.60 10.29
C LEU B 100 -2.84 32.51 9.61
N ARG B 101 -3.72 31.93 8.82
CA ARG B 101 -4.71 32.71 8.06
C ARG B 101 -5.78 33.36 8.94
N GLU B 102 -5.96 32.86 10.16
CA GLU B 102 -7.06 33.29 11.03
C GLU B 102 -6.56 33.97 12.31
N CYS B 103 -5.25 34.11 12.44
CA CYS B 103 -4.70 34.51 13.73
C CYS B 103 -4.83 35.99 14.04
N ASN B 104 -4.67 36.30 15.32
CA ASN B 104 -4.50 37.67 15.76
C ASN B 104 -3.01 37.99 15.72
N ARG B 105 -2.59 38.92 14.87
CA ARG B 105 -1.17 39.15 14.68
C ARG B 105 -0.47 39.88 15.83
N GLN B 106 -1.25 40.44 16.76
CA GLN B 106 -0.67 40.99 17.99
C GLN B 106 -0.19 39.84 18.87
N GLU B 107 -0.87 38.70 18.80
CA GLU B 107 -0.46 37.50 19.49
C GLU B 107 0.60 36.71 18.71
N VAL B 108 0.31 36.46 17.42
CA VAL B 108 1.24 35.75 16.58
C VAL B 108 2.14 36.78 15.92
N SER B 109 3.09 37.27 16.71
CA SER B 109 4.01 38.35 16.36
C SER B 109 5.29 37.80 15.78
N ALA B 110 6.25 38.68 15.49
CA ALA B 110 7.52 38.27 14.91
C ALA B 110 8.19 37.14 15.70
N VAL B 111 8.18 37.23 17.03
CA VAL B 111 8.90 36.23 17.82
C VAL B 111 8.18 34.89 17.68
N VAL B 112 6.86 34.92 17.54
CA VAL B 112 6.11 33.66 17.41
C VAL B 112 6.38 33.03 16.05
N LEU B 113 6.55 33.82 14.99
CA LEU B 113 6.84 33.23 13.69
C LEU B 113 8.20 32.53 13.79
N LEU B 114 9.18 33.12 14.50
CA LEU B 114 10.48 32.48 14.67
C LEU B 114 10.32 31.23 15.52
N TYR B 115 9.48 31.28 16.54
CA TYR B 115 9.23 30.13 17.39
C TYR B 115 8.66 28.97 16.58
N MET B 116 7.71 29.27 15.71
CA MET B 116 7.15 28.24 14.83
C MET B 116 8.21 27.57 13.98
N ALA B 117 9.02 28.37 13.30
CA ALA B 117 10.08 27.82 12.47
C ALA B 117 11.10 27.01 13.28
N THR B 118 11.39 27.48 14.49
CA THR B 118 12.35 26.78 15.33
C THR B 118 11.84 25.38 15.71
N GLN B 119 10.56 25.32 16.09
CA GLN B 119 9.95 24.04 16.46
C GLN B 119 9.91 23.07 15.29
N ILE B 120 9.52 23.57 14.11
CA ILE B 120 9.44 22.70 12.95
C ILE B 120 10.83 22.21 12.59
N SER B 121 11.81 23.11 12.59
CA SER B 121 13.15 22.67 12.25
C SER B 121 13.72 21.68 13.27
N SER B 122 13.29 21.75 14.52
CA SER B 122 13.71 20.77 15.51
C SER B 122 13.16 19.38 15.18
N ALA B 123 11.88 19.32 14.80
CA ALA B 123 11.29 18.07 14.37
C ALA B 123 12.01 17.54 13.15
N MET B 124 12.33 18.43 12.20
CA MET B 124 12.99 17.96 10.99
C MET B 124 14.45 17.52 11.23
N GLU B 125 15.14 18.17 12.17
CA GLU B 125 16.47 17.70 12.56
C GLU B 125 16.39 16.27 13.09
N TYR B 126 15.35 15.98 13.87
CA TYR B 126 15.15 14.64 14.36
C TYR B 126 14.85 13.68 13.23
N LEU B 127 13.94 14.05 12.31
CA LEU B 127 13.65 13.12 11.21
C LEU B 127 14.88 12.90 10.34
N GLU B 128 15.73 13.92 10.22
CA GLU B 128 16.98 13.77 9.49
C GLU B 128 17.88 12.72 10.16
N LYS B 129 17.94 12.72 11.49
CA LYS B 129 18.70 11.71 12.22
C LYS B 129 18.11 10.31 11.97
N LYS B 130 16.78 10.21 11.95
CA LYS B 130 16.14 8.92 11.72
C LYS B 130 16.23 8.50 10.26
N ASN B 131 16.63 9.43 9.40
CA ASN B 131 16.51 9.28 7.94
C ASN B 131 15.13 8.90 7.47
N PHE B 132 14.13 9.57 8.05
CA PHE B 132 12.77 9.49 7.53
C PHE B 132 12.50 10.69 6.64
N ILE B 133 12.26 10.43 5.36
CA ILE B 133 12.00 11.47 4.38
C ILE B 133 10.50 11.74 4.41
N HIS B 134 10.12 12.97 4.71
CA HIS B 134 8.72 13.27 4.94
C HIS B 134 7.92 13.29 3.64
N ARG B 135 8.45 13.98 2.62
CA ARG B 135 7.93 14.08 1.27
C ARG B 135 6.81 15.11 1.07
N ASP B 136 6.22 15.64 2.13
CA ASP B 136 5.16 16.63 1.90
C ASP B 136 5.09 17.66 3.04
N LEU B 137 6.25 18.24 3.35
CA LEU B 137 6.28 19.23 4.40
C LEU B 137 5.66 20.54 3.86
N ALA B 138 4.77 21.12 4.66
CA ALA B 138 4.02 22.31 4.25
C ALA B 138 3.19 22.71 5.45
N ALA B 139 2.71 23.95 5.49
CA ALA B 139 1.95 24.39 6.65
C ALA B 139 0.66 23.57 6.84
N ARG B 140 0.08 23.10 5.75
CA ARG B 140 -1.16 22.29 5.81
C ARG B 140 -0.96 20.98 6.56
N ASN B 141 0.30 20.53 6.69
CA ASN B 141 0.64 19.29 7.40
C ASN B 141 1.25 19.52 8.76
N CYS B 142 1.24 20.75 9.23
CA CYS B 142 1.66 21.01 10.60
C CYS B 142 0.45 21.31 11.46
N LEU B 143 0.54 21.07 12.76
CA LEU B 143 -0.57 21.24 13.70
C LEU B 143 -0.17 22.13 14.84
N VAL B 144 -1.15 22.81 15.42
CA VAL B 144 -0.90 23.83 16.42
C VAL B 144 -1.66 23.49 17.71
N GLY B 145 -0.99 23.66 18.84
CA GLY B 145 -1.62 23.47 20.14
C GLY B 145 -1.56 24.76 20.94
N GLU B 146 -1.69 24.62 22.27
CA GLU B 146 -1.71 25.80 23.11
C GLU B 146 -0.36 26.51 23.09
N ASN B 147 -0.39 27.83 23.31
CA ASN B 147 0.82 28.62 23.43
C ASN B 147 1.75 28.45 22.24
N HIS B 148 1.13 28.35 21.06
CA HIS B 148 1.85 28.31 19.79
C HIS B 148 2.76 27.11 19.63
N LEU B 149 2.46 26.03 20.34
CA LEU B 149 3.15 24.74 20.14
C LEU B 149 2.84 24.27 18.71
N VAL B 150 3.88 23.89 17.98
CA VAL B 150 3.71 23.42 16.60
C VAL B 150 4.35 22.05 16.49
N LYS B 151 3.64 21.13 15.83
CA LYS B 151 4.17 19.80 15.55
C LYS B 151 4.00 19.47 14.09
N VAL B 152 4.98 18.76 13.54
CA VAL B 152 4.90 18.24 12.19
C VAL B 152 4.03 16.97 12.18
N ALA B 153 3.22 16.84 11.13
CA ALA B 153 2.34 15.68 10.92
C ALA B 153 2.36 15.33 9.45
N ASP B 154 1.57 14.34 9.06
CA ASP B 154 1.37 14.05 7.65
C ASP B 154 0.00 13.43 7.49
N PHE B 155 -0.83 14.00 6.64
CA PHE B 155 -2.20 13.52 6.44
C PHE B 155 -2.38 12.79 5.13
N GLY B 156 -1.32 12.58 4.38
CA GLY B 156 -1.45 11.90 3.10
C GLY B 156 -2.41 12.62 2.17
N LEU B 157 -2.22 13.93 2.00
CA LEU B 157 -3.24 14.81 1.43
C LEU B 157 -3.34 14.78 -0.10
N SER B 158 -2.37 14.18 -0.79
CA SER B 158 -2.31 14.40 -2.25
C SER B 158 -3.53 13.91 -3.05
N ARG B 159 -4.21 12.88 -2.56
CA ARG B 159 -5.43 12.42 -3.25
C ARG B 159 -6.65 12.63 -2.35
N LEU B 160 -6.54 13.57 -1.42
CA LEU B 160 -7.64 13.94 -0.55
C LEU B 160 -8.03 15.39 -0.72
N MET B 161 -7.02 16.25 -0.83
CA MET B 161 -7.25 17.68 -0.82
C MET B 161 -7.42 18.16 -2.25
N THR B 162 -8.58 18.75 -2.51
CA THR B 162 -8.95 19.12 -3.88
C THR B 162 -8.58 20.55 -4.17
N GLY B 163 -8.58 20.91 -5.45
CA GLY B 163 -8.15 22.24 -5.84
C GLY B 163 -6.76 22.19 -6.45
N ASP B 164 -6.06 23.32 -6.42
CA ASP B 164 -4.79 23.44 -7.13
C ASP B 164 -3.55 23.10 -6.32
N THR B 165 -3.71 22.81 -5.04
CA THR B 165 -2.53 22.52 -4.22
C THR B 165 -1.78 21.35 -4.82
N TYR B 166 -2.49 20.26 -5.12
CA TYR B 166 -1.90 19.06 -5.71
C TYR B 166 -2.41 18.93 -7.14
N THR B 167 -1.50 18.67 -8.07
CA THR B 167 -1.90 18.47 -9.46
C THR B 167 -1.17 17.30 -10.09
N ALA B 168 -1.68 16.85 -11.23
CA ALA B 168 -1.13 15.69 -11.92
C ALA B 168 0.31 15.90 -12.32
N HIS B 169 1.15 14.94 -11.96
CA HIS B 169 2.55 14.94 -12.35
C HIS B 169 3.11 13.54 -12.12
N ALA B 170 3.80 13.02 -13.12
CA ALA B 170 4.44 11.71 -13.02
C ALA B 170 3.48 10.62 -12.50
N GLY B 171 2.27 10.58 -13.06
CA GLY B 171 1.34 9.52 -12.72
C GLY B 171 0.87 9.54 -11.28
N ALA B 172 1.17 10.63 -10.59
CA ALA B 172 0.67 10.84 -9.23
C ALA B 172 0.12 12.26 -9.12
N LYS B 173 -0.06 12.74 -7.90
CA LYS B 173 -0.36 14.14 -7.69
C LYS B 173 0.67 14.76 -6.75
N PHE B 174 1.27 15.85 -7.20
CA PHE B 174 2.36 16.55 -6.49
C PHE B 174 1.90 17.94 -6.09
N PRO B 175 2.36 18.44 -4.94
CA PRO B 175 2.20 19.86 -4.59
C PRO B 175 3.35 20.62 -5.28
N ILE B 176 3.12 20.98 -6.54
CA ILE B 176 4.22 21.47 -7.37
C ILE B 176 4.99 22.61 -6.71
N LYS B 177 4.29 23.52 -6.06
CA LYS B 177 4.96 24.69 -5.51
C LYS B 177 5.81 24.44 -4.26
N TRP B 178 5.72 23.24 -3.70
CA TRP B 178 6.59 22.86 -2.57
C TRP B 178 7.66 21.86 -2.99
N THR B 179 7.67 21.46 -4.25
CA THR B 179 8.49 20.34 -4.68
C THR B 179 9.85 20.75 -5.22
N ALA B 180 10.92 20.15 -4.72
CA ALA B 180 12.27 20.46 -5.18
C ALA B 180 12.44 20.10 -6.65
N PRO B 181 13.31 20.82 -7.36
CA PRO B 181 13.46 20.59 -8.81
C PRO B 181 13.79 19.14 -9.15
N GLU B 182 14.70 18.52 -8.41
CA GLU B 182 15.11 17.15 -8.74
C GLU B 182 14.00 16.15 -8.43
N SER B 183 13.09 16.51 -7.51
CA SER B 183 11.91 15.70 -7.28
C SER B 183 10.91 15.80 -8.44
N LEU B 184 10.73 17.01 -8.98
CA LEU B 184 9.89 17.20 -10.16
C LEU B 184 10.49 16.52 -11.41
N ALA B 185 11.80 16.70 -11.60
CA ALA B 185 12.43 16.24 -12.82
C ALA B 185 12.72 14.75 -12.84
N TYR B 186 13.17 14.20 -11.71
CA TYR B 186 13.70 12.84 -11.67
C TYR B 186 13.06 11.96 -10.59
N ASN B 187 12.02 12.48 -9.95
CA ASN B 187 11.31 11.76 -8.90
C ASN B 187 12.24 11.40 -7.74
N LYS B 188 13.27 12.22 -7.52
CA LYS B 188 14.28 12.00 -6.48
C LYS B 188 13.87 12.75 -5.21
N PHE B 189 13.48 12.01 -4.18
CA PHE B 189 13.11 12.58 -2.88
C PHE B 189 14.16 12.21 -1.84
N SER B 190 14.46 13.14 -0.96
CA SER B 190 15.54 12.94 0.00
C SER B 190 15.31 13.90 1.16
N ILE B 191 16.13 13.80 2.20
CA ILE B 191 16.09 14.82 3.23
C ILE B 191 16.29 16.20 2.60
N LYS B 192 17.18 16.30 1.60
CA LYS B 192 17.39 17.60 0.96
C LYS B 192 16.16 18.12 0.19
N SER B 193 15.31 17.26 -0.35
CA SER B 193 14.06 17.80 -0.89
C SER B 193 13.09 18.22 0.22
N ASP B 194 13.16 17.59 1.41
CA ASP B 194 12.42 18.12 2.55
C ASP B 194 12.95 19.50 2.95
N VAL B 195 14.27 19.72 2.83
CA VAL B 195 14.84 21.04 3.13
C VAL B 195 14.28 22.09 2.17
N TRP B 196 14.19 21.75 0.89
CA TRP B 196 13.59 22.69 -0.08
C TRP B 196 12.16 23.07 0.37
N ALA B 197 11.37 22.05 0.72
CA ALA B 197 9.99 22.28 1.15
C ALA B 197 9.94 23.11 2.41
N PHE B 198 10.86 22.87 3.34
CA PHE B 198 10.94 23.71 4.52
C PHE B 198 11.14 25.19 4.17
N GLY B 199 11.92 25.46 3.13
CA GLY B 199 12.07 26.84 2.71
C GLY B 199 10.74 27.45 2.26
N VAL B 200 9.95 26.67 1.51
CA VAL B 200 8.62 27.15 1.13
C VAL B 200 7.73 27.34 2.37
N LEU B 201 7.81 26.43 3.32
CA LEU B 201 7.10 26.59 4.56
C LEU B 201 7.52 27.85 5.32
N LEU B 202 8.82 28.18 5.30
CA LEU B 202 9.22 29.45 5.90
C LEU B 202 8.51 30.65 5.25
N TRP B 203 8.36 30.58 3.94
CA TRP B 203 7.68 31.67 3.22
C TRP B 203 6.18 31.67 3.58
N GLU B 204 5.57 30.49 3.75
CA GLU B 204 4.18 30.45 4.23
C GLU B 204 4.07 31.12 5.59
N ILE B 205 5.00 30.83 6.49
CA ILE B 205 4.96 31.45 7.80
C ILE B 205 5.13 32.96 7.73
N ALA B 206 6.11 33.40 6.95
CA ALA B 206 6.43 34.83 6.81
C ALA B 206 5.25 35.64 6.28
N THR B 207 4.41 35.00 5.46
CA THR B 207 3.30 35.69 4.80
C THR B 207 1.97 35.42 5.50
N TYR B 208 1.99 34.79 6.68
CA TYR B 208 0.78 34.40 7.38
C TYR B 208 -0.14 33.56 6.50
N GLY B 209 0.48 32.68 5.72
CA GLY B 209 -0.29 31.66 5.03
C GLY B 209 -0.72 32.01 3.62
N MET B 210 0.01 32.88 2.92
CA MET B 210 -0.25 33.03 1.51
C MET B 210 0.09 31.79 0.71
N SER B 211 -0.60 31.61 -0.42
CA SER B 211 -0.23 30.57 -1.37
C SER B 211 1.07 30.99 -2.08
N PRO B 212 2.02 30.05 -2.25
CA PRO B 212 3.32 30.43 -2.80
C PRO B 212 3.29 30.80 -4.28
N TYR B 213 4.39 31.39 -4.73
CA TYR B 213 4.54 31.85 -6.13
C TYR B 213 3.26 32.53 -6.63
N PRO B 214 2.83 33.59 -5.93
CA PRO B 214 1.56 34.24 -6.26
C PRO B 214 1.43 34.66 -7.72
N GLY B 215 0.35 34.22 -8.37
CA GLY B 215 0.07 34.65 -9.74
C GLY B 215 0.80 33.84 -10.82
N ILE B 216 1.70 32.96 -10.40
CA ILE B 216 2.48 32.17 -11.34
C ILE B 216 1.79 30.84 -11.61
N ASP B 217 1.61 30.51 -12.89
CA ASP B 217 0.99 29.25 -13.29
C ASP B 217 1.89 28.07 -12.91
N LEU B 218 1.26 26.98 -12.46
CA LEU B 218 2.00 25.76 -12.12
C LEU B 218 2.90 25.29 -13.25
N SER B 219 2.47 25.52 -14.48
CA SER B 219 3.16 25.00 -15.66
C SER B 219 4.50 25.69 -15.86
N GLN B 220 4.69 26.81 -15.17
CA GLN B 220 5.86 27.66 -15.39
C GLN B 220 6.89 27.50 -14.28
N VAL B 221 6.50 26.87 -13.16
CA VAL B 221 7.34 26.91 -11.97
C VAL B 221 8.72 26.30 -12.20
N TYR B 222 8.80 25.12 -12.78
CA TYR B 222 10.09 24.47 -12.97
C TYR B 222 11.01 25.31 -13.87
N GLU B 223 10.47 25.82 -14.97
CA GLU B 223 11.24 26.62 -15.93
C GLU B 223 11.84 27.83 -15.25
N LEU B 224 11.03 28.48 -14.42
CA LEU B 224 11.49 29.64 -13.70
C LEU B 224 12.58 29.27 -12.69
N LEU B 225 12.39 28.19 -11.93
CA LEU B 225 13.42 27.78 -10.97
C LEU B 225 14.73 27.50 -11.70
N GLU B 226 14.63 26.90 -12.88
CA GLU B 226 15.83 26.51 -13.60
C GLU B 226 16.60 27.75 -14.10
N LYS B 227 15.89 28.87 -14.26
CA LYS B 227 16.52 30.15 -14.64
C LYS B 227 17.03 30.90 -13.42
N ASP B 228 16.88 30.29 -12.24
CA ASP B 228 17.27 30.83 -10.95
C ASP B 228 16.29 31.85 -10.35
N TYR B 229 15.08 31.88 -10.88
CA TYR B 229 14.04 32.64 -10.19
C TYR B 229 13.71 31.97 -8.86
N ARG B 230 13.54 32.78 -7.82
CA ARG B 230 13.06 32.31 -6.52
C ARG B 230 12.08 33.37 -5.99
N MET B 231 11.17 32.99 -5.11
CA MET B 231 10.26 33.95 -4.52
C MET B 231 11.04 35.08 -3.86
N GLU B 232 10.49 36.29 -3.94
CA GLU B 232 11.05 37.47 -3.29
C GLU B 232 10.86 37.42 -1.78
N ARG B 233 11.66 38.20 -1.08
CA ARG B 233 11.54 38.31 0.36
C ARG B 233 10.20 38.96 0.70
N PRO B 234 9.39 38.31 1.54
CA PRO B 234 8.12 38.93 1.93
C PRO B 234 8.34 40.20 2.74
N GLU B 235 7.42 41.13 2.62
CA GLU B 235 7.47 42.33 3.45
C GLU B 235 7.52 41.94 4.92
N GLY B 236 8.46 42.56 5.64
CA GLY B 236 8.59 42.27 7.06
C GLY B 236 9.46 41.08 7.42
N CYS B 237 9.89 40.32 6.41
CA CYS B 237 10.69 39.13 6.69
C CYS B 237 12.12 39.55 6.98
N PRO B 238 12.68 39.10 8.11
CA PRO B 238 14.09 39.40 8.42
C PRO B 238 15.04 38.92 7.34
N GLU B 239 16.08 39.69 7.05
CA GLU B 239 17.01 39.31 5.99
C GLU B 239 17.68 37.95 6.26
N LYS B 240 18.03 37.67 7.52
CA LYS B 240 18.64 36.39 7.88
C LYS B 240 17.70 35.21 7.58
N VAL B 241 16.40 35.43 7.78
CA VAL B 241 15.43 34.37 7.52
C VAL B 241 15.28 34.17 6.03
N TYR B 242 15.25 35.26 5.26
CA TYR B 242 15.23 35.11 3.82
C TYR B 242 16.52 34.45 3.29
N GLU B 243 17.68 34.77 3.87
CA GLU B 243 18.90 34.07 3.50
C GLU B 243 18.78 32.56 3.70
N LEU B 244 18.16 32.16 4.80
CA LEU B 244 17.93 30.72 5.03
C LEU B 244 16.96 30.15 4.02
N MET B 245 15.91 30.88 3.65
CA MET B 245 15.05 30.39 2.55
C MET B 245 15.86 30.15 1.30
N ARG B 246 16.71 31.11 0.93
CA ARG B 246 17.44 30.99 -0.31
C ARG B 246 18.43 29.82 -0.26
N ALA B 247 18.98 29.56 0.93
CA ALA B 247 19.86 28.41 1.09
C ALA B 247 19.08 27.09 0.90
N CYS B 248 17.85 27.05 1.43
CA CYS B 248 17.01 25.87 1.25
C CYS B 248 16.64 25.64 -0.21
N TRP B 249 16.65 26.73 -0.99
CA TRP B 249 16.29 26.64 -2.40
C TRP B 249 17.50 26.65 -3.35
N GLN B 250 18.67 26.23 -2.84
CA GLN B 250 19.78 25.99 -3.74
C GLN B 250 19.38 24.90 -4.75
N TRP B 251 19.77 25.09 -5.99
CA TRP B 251 19.41 24.16 -7.05
C TRP B 251 19.98 22.76 -6.77
N ASN B 252 21.26 22.69 -6.42
CA ASN B 252 21.91 21.41 -6.14
C ASN B 252 21.55 21.00 -4.70
N PRO B 253 20.93 19.82 -4.53
CA PRO B 253 20.54 19.44 -3.17
C PRO B 253 21.70 19.45 -2.18
N SER B 254 22.90 19.09 -2.66
CA SER B 254 24.06 19.04 -1.76
C SER B 254 24.47 20.40 -1.22
N ASP B 255 24.04 21.46 -1.89
CA ASP B 255 24.34 22.81 -1.45
C ASP B 255 23.36 23.37 -0.40
N ARG B 256 22.27 22.64 -0.15
CA ARG B 256 21.26 23.06 0.83
C ARG B 256 21.77 22.69 2.22
N PRO B 257 21.48 23.51 3.22
CA PRO B 257 21.90 23.20 4.59
C PRO B 257 21.22 21.94 5.12
N SER B 258 21.81 21.35 6.15
CA SER B 258 21.14 20.28 6.87
C SER B 258 20.10 20.87 7.81
N PHE B 259 19.18 20.02 8.27
CA PHE B 259 18.23 20.51 9.25
C PHE B 259 18.90 20.80 10.60
N ALA B 260 19.99 20.09 10.93
CA ALA B 260 20.75 20.46 12.13
C ALA B 260 21.25 21.90 12.05
N GLU B 261 21.78 22.28 10.91
CA GLU B 261 22.24 23.65 10.72
C GLU B 261 21.10 24.66 10.74
N ILE B 262 20.00 24.32 10.05
CA ILE B 262 18.83 25.20 10.04
C ILE B 262 18.30 25.40 11.44
N HIS B 263 18.14 24.32 12.19
CA HIS B 263 17.62 24.47 13.53
C HIS B 263 18.51 25.32 14.44
N GLN B 264 19.83 25.12 14.38
CA GLN B 264 20.71 25.95 15.19
C GLN B 264 20.57 27.42 14.84
N ALA B 265 20.47 27.72 13.56
CA ALA B 265 20.28 29.11 13.14
C ALA B 265 18.98 29.72 13.66
N PHE B 266 17.89 28.96 13.55
CA PHE B 266 16.62 29.48 14.06
C PHE B 266 16.57 29.57 15.56
N GLU B 267 17.15 28.60 16.27
CA GLU B 267 17.13 28.70 17.73
C GLU B 267 17.84 29.99 18.16
N THR B 268 18.95 30.29 17.51
CA THR B 268 19.70 31.51 17.83
C THR B 268 18.86 32.76 17.57
N MET B 269 18.21 32.82 16.41
CA MET B 269 17.40 33.99 16.11
C MET B 269 16.20 34.10 17.04
N PHE B 270 15.62 32.96 17.39
CA PHE B 270 14.48 32.96 18.29
C PHE B 270 14.85 33.46 19.68
N GLN B 271 15.99 33.03 20.21
CA GLN B 271 16.39 33.50 21.55
C GLN B 271 16.65 35.00 21.54
N GLU B 272 17.27 35.49 20.48
CA GLU B 272 17.51 36.93 20.33
C GLU B 272 16.18 37.70 20.30
N SER B 273 15.23 37.23 19.49
CA SER B 273 13.93 37.87 19.37
C SER B 273 13.14 37.80 20.68
N SER B 274 13.32 36.70 21.41
CA SER B 274 12.62 36.50 22.68
C SER B 274 13.10 37.53 23.71
N ILE B 275 14.40 37.82 23.71
CA ILE B 275 14.91 38.86 24.61
C ILE B 275 14.24 40.20 24.35
N SER B 276 14.21 40.61 23.09
CA SER B 276 13.58 41.87 22.74
C SER B 276 12.11 41.86 23.12
N ASP B 277 11.46 40.72 22.87
CA ASP B 277 10.03 40.60 23.15
C ASP B 277 9.74 40.68 24.65
N GLU B 278 10.54 40.00 25.45
CA GLU B 278 10.34 40.03 26.90
C GLU B 278 10.55 41.44 27.43
N VAL B 279 11.51 42.16 26.87
CA VAL B 279 11.77 43.53 27.33
C VAL B 279 10.58 44.41 26.98
N GLU B 280 10.09 44.28 25.75
CA GLU B 280 8.97 45.09 25.30
C GLU B 280 7.71 44.80 26.11
N LYS B 281 7.49 43.54 26.46
CA LYS B 281 6.34 43.20 27.30
C LYS B 281 6.46 43.83 28.68
N GLU B 282 7.67 43.84 29.22
CA GLU B 282 7.92 44.35 30.56
C GLU B 282 7.68 45.85 30.62
N LEU B 283 8.09 46.56 29.58
CA LEU B 283 7.77 47.98 29.48
C LEU B 283 6.28 48.15 29.22
N GLY B 284 5.57 48.73 30.18
CA GLY B 284 4.13 48.89 30.02
C GLY B 284 3.38 47.64 30.41
C1 B91 C . -2.20 -17.56 -19.60
F1 B91 C . -3.50 -13.35 -8.82
N1 B91 C . -1.50 -16.52 -19.05
O1 B91 C . -3.77 -13.46 -13.69
C2 B91 C . -0.17 -22.60 -22.36
F2 B91 C . -1.99 -12.04 -9.50
N2 B91 C . -4.92 -11.49 -13.67
C3 B91 C . -1.97 -15.28 -18.43
F3 B91 C . -3.26 -11.45 -7.86
N3 B91 C . -7.22 -9.22 -10.18
C4 B91 C . -3.18 -14.81 -18.55
N4 B91 C . -8.28 -7.51 -9.26
C5 B91 C . -3.61 -13.60 -17.86
N5 B91 C . 0.03 -17.95 -19.74
C6 B91 C . -3.87 -12.41 -18.57
N6 B91 C . -3.53 -17.75 -19.74
C7 B91 C . -4.30 -11.23 -17.90
N7 B91 C . -3.00 -19.84 -20.74
C8 B91 C . -4.45 -11.26 -16.49
N8 B91 C . -0.77 -20.58 -21.00
C9 B91 C . -4.17 -12.45 -15.76
C10 B91 C . -3.76 -13.61 -16.44
C11 B91 C . -3.70 -12.34 -20.06
C12 B91 C . -4.28 -12.50 -14.30
C13 B91 C . -4.99 -11.26 -12.31
C14 B91 C . -6.01 -10.44 -11.88
C15 B91 C . -6.19 -10.11 -10.52
C16 B91 C . -5.27 -10.65 -9.57
C17 B91 C . -4.20 -11.49 -9.99
C18 B91 C . -4.08 -11.78 -11.37
C19 B91 C . -3.21 -12.09 -9.01
C22 B91 C . -8.48 -9.19 -10.73
C23 B91 C . -7.11 -8.19 -9.28
C24 B91 C . -1.24 -21.91 -21.52
C25 B91 C . -9.12 -8.10 -10.13
C26 B91 C . -0.16 -16.74 -19.13
C27 B91 C . -10.48 -7.61 -10.36
C28 B91 C . -1.36 -21.93 -23.06
C29 B91 C . -1.21 -18.47 -20.02
C30 B91 C . -1.66 -19.64 -20.60
C33 B91 C . -3.89 -18.92 -20.33
C1 B91 D . -5.43 16.18 14.12
F1 B91 D . 5.16 13.65 10.00
N1 B91 D . -4.47 15.44 14.77
O1 B91 D . 0.54 12.88 11.38
C2 B91 D . -8.56 21.02 16.07
F2 B91 D . 5.29 12.62 11.86
N2 B91 D . 0.69 10.72 10.62
C3 B91 D . -3.75 14.24 14.32
F3 B91 D . 6.57 12.06 10.23
N3 B91 D . 3.79 8.60 7.71
C4 B91 D . -4.12 13.49 13.32
N4 B91 D . 4.71 6.87 6.67
C5 B91 D . -3.31 12.35 12.88
N5 B91 D . -4.98 17.06 16.17
C6 B91 D . -3.78 11.03 13.06
N6 B91 D . -5.99 16.04 12.91
C7 B91 D . -3.02 9.92 12.62
N7 B91 D . -7.26 18.00 13.39
C8 B91 D . -1.76 10.13 12.02
N8 B91 D . -7.03 19.19 15.41
C9 B91 D . -1.26 11.45 11.85
C10 B91 D . -2.05 12.56 12.27
C11 B91 D . -5.10 10.77 13.73
C12 B91 D . 0.05 11.74 11.26
C13 B91 D . 1.98 10.71 10.16
C14 B91 D . 2.28 9.77 9.20
C15 B91 D . 3.58 9.64 8.64
C16 B91 D . 4.59 10.51 9.09
C17 B91 D . 4.32 11.51 10.06
C18 B91 D . 3.01 11.59 10.59
C19 B91 D . 5.36 12.47 10.55
C22 B91 D . 2.91 8.19 6.73
C23 B91 D . 4.89 7.78 7.67
C24 B91 D . -7.97 20.24 14.91
C25 B91 D . 3.52 7.11 6.10
C26 B91 D . -4.20 15.96 16.00
C27 B91 D . 3.02 6.30 5.00
C28 B91 D . -9.43 20.00 15.32
C29 B91 D . -5.74 17.22 15.04
C30 B91 D . -6.68 18.14 14.61
C33 B91 D . -6.92 16.97 12.57
#